data_2AR3
#
_entry.id   2AR3
#
_cell.length_a   163.644
_cell.length_b   163.644
_cell.length_c   38.462
_cell.angle_alpha   90.00
_cell.angle_beta   90.00
_cell.angle_gamma   120.00
#
_symmetry.space_group_name_H-M   'P 61'
#
loop_
_entity.id
_entity.type
_entity.pdbx_description
1 polymer 'prophage lambdaba02, n-acetylmuramoyl-l-alanine amidase, family 2'
2 non-polymer 'ZINC ION'
3 non-polymer 'PHOSPHATE ION'
4 water water
#
_entity_poly.entity_id   1
_entity_poly.type   'polypeptide(L)'
_entity_poly.pdbx_seq_one_letter_code
;MEIRKKLVVPSKYGTKCPYTMKPKYITVHNTYNDAPAENEVNYMITNNNEVSFHVAVDDKQAIQGIPWERNAWACGDGNG
PGNRESISVAICYSKSGGDRYYKAENNAVDVVRQLMSMYNIPIENVRTHQSWSGKYCPHRMLAEGRWGAFIQKVKSGNVA
;
_entity_poly.pdbx_strand_id   A,B,C
#
loop_
_chem_comp.id
_chem_comp.type
_chem_comp.name
_chem_comp.formula
PO4 non-polymer 'PHOSPHATE ION' 'O4 P -3'
ZN non-polymer 'ZINC ION' 'Zn 2'
#
# COMPACT_ATOMS: atom_id res chain seq x y z
N MET A 1 17.92 -7.56 26.96
CA MET A 1 17.08 -8.67 27.51
C MET A 1 17.19 -9.90 26.64
N GLU A 2 16.94 -11.06 27.23
CA GLU A 2 17.02 -12.30 26.49
C GLU A 2 15.89 -12.44 25.49
N ILE A 3 16.20 -13.01 24.35
CA ILE A 3 15.22 -13.24 23.30
C ILE A 3 15.03 -14.75 23.29
N ARG A 4 13.89 -15.18 23.84
CA ARG A 4 13.56 -16.61 23.91
C ARG A 4 13.28 -17.14 22.52
N LYS A 5 13.59 -18.41 22.28
CA LYS A 5 13.35 -19.04 20.99
C LYS A 5 12.15 -19.99 21.02
N LYS A 6 11.27 -19.82 20.04
CA LYS A 6 10.08 -20.67 19.89
C LYS A 6 9.85 -20.68 18.39
N LEU A 7 10.87 -21.16 17.67
CA LEU A 7 10.89 -21.21 16.22
C LEU A 7 9.93 -22.15 15.53
N VAL A 8 9.48 -21.73 14.34
CA VAL A 8 8.60 -22.54 13.53
C VAL A 8 9.42 -23.77 13.16
N VAL A 9 8.75 -24.88 12.89
CA VAL A 9 9.45 -26.12 12.50
C VAL A 9 9.90 -26.00 11.04
N PRO A 10 11.00 -26.68 10.69
CA PRO A 10 11.56 -26.67 9.33
C PRO A 10 10.58 -27.02 8.22
N SER A 11 9.71 -27.99 8.46
CA SER A 11 8.76 -28.39 7.43
C SER A 11 7.83 -27.27 6.98
N LYS A 12 7.66 -26.25 7.81
CA LYS A 12 6.81 -25.11 7.48
C LYS A 12 7.60 -23.91 6.94
N TYR A 13 8.84 -24.13 6.49
CA TYR A 13 9.63 -23.02 5.97
C TYR A 13 9.06 -22.48 4.66
N GLY A 14 8.67 -23.39 3.76
CA GLY A 14 8.12 -22.97 2.48
C GLY A 14 6.99 -21.96 2.60
N THR A 15 6.30 -21.99 3.73
CA THR A 15 5.19 -21.09 3.97
C THR A 15 5.56 -19.87 4.81
N LYS A 16 6.30 -20.11 5.89
CA LYS A 16 6.69 -19.05 6.83
C LYS A 16 7.99 -18.29 6.56
N CYS A 17 8.95 -18.95 5.92
CA CYS A 17 10.25 -18.32 5.67
C CYS A 17 11.00 -19.13 4.61
N PRO A 18 10.47 -19.18 3.38
CA PRO A 18 11.07 -19.94 2.27
C PRO A 18 12.43 -19.48 1.76
N TYR A 19 12.86 -18.28 2.11
CA TYR A 19 14.14 -17.79 1.62
C TYR A 19 15.16 -17.45 2.69
N THR A 20 16.43 -17.73 2.40
CA THR A 20 17.50 -17.38 3.33
C THR A 20 17.53 -15.88 3.20
N MET A 21 18.10 -15.19 4.18
CA MET A 21 18.17 -13.74 4.12
C MET A 21 19.42 -13.17 4.77
N LYS A 22 19.90 -12.08 4.20
CA LYS A 22 21.05 -11.37 4.73
C LYS A 22 20.44 -10.09 5.28
N PRO A 23 20.25 -10.01 6.60
CA PRO A 23 19.66 -8.84 7.26
C PRO A 23 20.33 -7.53 6.88
N LYS A 24 19.54 -6.57 6.39
CA LYS A 24 20.04 -5.26 6.00
C LYS A 24 19.19 -4.18 6.66
N TYR A 25 17.96 -4.54 7.03
CA TYR A 25 17.05 -3.61 7.69
C TYR A 25 16.30 -4.30 8.84
N ILE A 26 15.75 -3.46 9.70
CA ILE A 26 14.93 -3.91 10.82
C ILE A 26 13.62 -3.15 10.59
N THR A 27 12.51 -3.88 10.58
CA THR A 27 11.20 -3.25 10.37
C THR A 27 10.38 -3.37 11.64
N VAL A 28 9.88 -2.26 12.15
CA VAL A 28 9.10 -2.30 13.38
C VAL A 28 7.59 -2.26 13.11
N HIS A 29 6.87 -3.13 13.79
CA HIS A 29 5.42 -3.20 13.64
C HIS A 29 4.71 -3.03 14.97
N ASN A 30 3.39 -2.94 14.89
CA ASN A 30 2.49 -2.88 16.04
C ASN A 30 1.55 -4.01 15.64
N THR A 31 1.19 -4.86 16.60
CA THR A 31 0.31 -5.98 16.33
C THR A 31 -1.17 -5.59 16.28
N TYR A 32 -1.50 -4.40 16.78
CA TYR A 32 -2.90 -3.95 16.81
C TYR A 32 -3.70 -5.04 17.52
N ASN A 33 -3.14 -5.58 18.59
CA ASN A 33 -3.81 -6.64 19.34
C ASN A 33 -3.33 -6.52 20.78
N ASP A 34 -4.07 -7.12 21.71
CA ASP A 34 -3.67 -7.07 23.11
C ASP A 34 -3.36 -8.47 23.61
N ALA A 35 -2.45 -9.14 22.93
CA ALA A 35 -2.06 -10.50 23.30
C ALA A 35 -0.58 -10.54 23.64
N PRO A 36 -0.20 -11.43 24.57
CA PRO A 36 1.22 -11.49 24.90
C PRO A 36 2.05 -12.07 23.75
N ALA A 37 3.36 -11.83 23.83
CA ALA A 37 4.29 -12.31 22.80
C ALA A 37 4.20 -13.81 22.56
N GLU A 38 4.04 -14.56 23.64
CA GLU A 38 3.95 -16.01 23.54
C GLU A 38 2.78 -16.45 22.67
N ASN A 39 1.67 -15.74 22.79
CA ASN A 39 0.45 -16.03 22.03
C ASN A 39 0.62 -15.64 20.57
N GLU A 40 1.13 -14.44 20.35
CA GLU A 40 1.36 -13.93 19.01
C GLU A 40 2.25 -14.90 18.25
N VAL A 41 3.33 -15.35 18.90
CA VAL A 41 4.23 -16.26 18.24
C VAL A 41 3.65 -17.66 18.08
N ASN A 42 3.05 -18.20 19.13
CA ASN A 42 2.49 -19.54 19.05
C ASN A 42 1.52 -19.63 17.87
N TYR A 43 0.68 -18.60 17.74
CA TYR A 43 -0.30 -18.56 16.66
C TYR A 43 0.38 -18.43 15.30
N MET A 44 1.37 -17.56 15.21
CA MET A 44 2.05 -17.35 13.94
C MET A 44 2.85 -18.56 13.46
N ILE A 45 3.50 -19.29 14.35
CA ILE A 45 4.28 -20.45 13.91
C ILE A 45 3.45 -21.71 13.64
N THR A 46 2.18 -21.71 14.06
CA THR A 46 1.35 -22.89 13.87
C THR A 46 0.33 -22.87 12.72
N ASN A 47 -0.37 -21.75 12.55
CA ASN A 47 -1.35 -21.64 11.48
C ASN A 47 -0.67 -21.84 10.13
N ASN A 48 -1.46 -22.08 9.08
CA ASN A 48 -0.88 -22.30 7.75
C ASN A 48 -0.86 -21.10 6.82
N ASN A 49 -0.96 -19.90 7.37
CA ASN A 49 -0.95 -18.70 6.56
C ASN A 49 0.47 -18.27 6.23
N GLU A 50 0.66 -17.73 5.03
CA GLU A 50 1.97 -17.24 4.61
C GLU A 50 2.16 -15.85 5.21
N VAL A 51 1.98 -15.77 6.53
CA VAL A 51 2.13 -14.54 7.26
C VAL A 51 3.06 -14.86 8.43
N SER A 52 4.03 -14.00 8.69
CA SER A 52 4.97 -14.27 9.75
C SER A 52 5.80 -13.06 10.10
N PHE A 53 6.55 -13.16 11.18
CA PHE A 53 7.43 -12.09 11.63
C PHE A 53 8.49 -12.74 12.50
N HIS A 54 9.68 -12.14 12.56
CA HIS A 54 10.78 -12.70 13.32
C HIS A 54 10.68 -12.74 14.84
N VAL A 55 10.21 -11.66 15.45
CA VAL A 55 10.13 -11.63 16.89
C VAL A 55 8.99 -10.76 17.43
N ALA A 56 8.33 -11.26 18.48
CA ALA A 56 7.25 -10.51 19.12
C ALA A 56 7.79 -10.00 20.45
N VAL A 57 7.40 -8.79 20.84
CA VAL A 57 7.89 -8.22 22.09
C VAL A 57 6.76 -7.61 22.94
N ASP A 58 6.63 -8.05 24.19
CA ASP A 58 5.61 -7.48 25.06
C ASP A 58 6.21 -6.80 26.29
N ASP A 59 5.40 -6.51 27.31
CA ASP A 59 5.92 -5.83 28.50
C ASP A 59 6.80 -6.73 29.35
N LYS A 60 6.70 -8.05 29.13
CA LYS A 60 7.48 -9.03 29.91
C LYS A 60 8.65 -9.68 29.20
N GLN A 61 8.43 -10.17 27.99
CA GLN A 61 9.51 -10.83 27.26
C GLN A 61 9.54 -10.60 25.75
N ALA A 62 10.53 -11.23 25.12
CA ALA A 62 10.74 -11.16 23.69
C ALA A 62 10.92 -12.60 23.19
N ILE A 63 10.08 -12.99 22.24
CA ILE A 63 10.12 -14.34 21.69
C ILE A 63 10.28 -14.35 20.17
N GLN A 64 11.26 -15.10 19.69
CA GLN A 64 11.55 -15.21 18.25
C GLN A 64 10.86 -16.42 17.65
N GLY A 65 10.19 -16.22 16.51
CA GLY A 65 9.51 -17.31 15.84
C GLY A 65 10.14 -17.71 14.52
N ILE A 66 10.99 -16.85 13.94
CA ILE A 66 11.63 -17.18 12.66
C ILE A 66 13.14 -16.92 12.73
N PRO A 67 13.96 -17.82 12.16
CA PRO A 67 15.41 -17.64 12.17
C PRO A 67 15.76 -16.26 11.58
N TRP A 68 16.65 -15.52 12.26
CA TRP A 68 17.01 -14.19 11.77
C TRP A 68 17.45 -14.18 10.30
N GLU A 69 18.12 -15.23 9.84
CA GLU A 69 18.62 -15.27 8.48
C GLU A 69 17.72 -15.98 7.46
N ARG A 70 16.42 -15.79 7.61
CA ARG A 70 15.44 -16.30 6.69
C ARG A 70 14.40 -15.20 6.66
N ASN A 71 13.83 -14.96 5.48
CA ASN A 71 12.84 -13.90 5.32
C ASN A 71 11.58 -14.24 6.10
N ALA A 72 10.70 -13.25 6.20
CA ALA A 72 9.42 -13.39 6.86
C ALA A 72 8.43 -12.55 6.03
N TRP A 73 7.16 -12.93 6.06
CA TRP A 73 6.13 -12.23 5.30
C TRP A 73 5.33 -11.31 6.24
N ALA A 74 5.85 -10.11 6.48
CA ALA A 74 5.20 -9.15 7.38
C ALA A 74 5.14 -7.72 6.83
N CYS A 75 5.80 -7.47 5.72
CA CYS A 75 5.84 -6.12 5.15
C CYS A 75 4.88 -5.85 3.99
N GLY A 76 4.19 -6.91 3.54
CA GLY A 76 3.23 -6.77 2.46
C GLY A 76 3.76 -6.17 1.17
N ASP A 77 5.08 -6.21 0.99
CA ASP A 77 5.68 -5.66 -0.22
C ASP A 77 6.12 -6.82 -1.11
N GLY A 78 5.37 -7.92 -1.01
CA GLY A 78 5.68 -9.11 -1.80
C GLY A 78 7.15 -9.44 -1.70
N ASN A 79 7.80 -9.57 -2.86
CA ASN A 79 9.22 -9.88 -2.88
C ASN A 79 10.11 -8.64 -2.95
N GLY A 80 9.80 -7.63 -2.13
CA GLY A 80 10.60 -6.43 -2.10
C GLY A 80 11.59 -6.49 -0.95
N PRO A 81 12.47 -5.47 -0.81
CA PRO A 81 13.47 -5.42 0.27
C PRO A 81 12.88 -5.57 1.67
N GLY A 82 11.64 -5.11 1.84
CA GLY A 82 11.00 -5.22 3.13
C GLY A 82 10.89 -6.68 3.57
N ASN A 83 10.21 -7.50 2.78
CA ASN A 83 10.06 -8.91 3.11
C ASN A 83 11.28 -9.78 2.87
N ARG A 84 12.26 -9.28 2.12
CA ARG A 84 13.43 -10.09 1.82
C ARG A 84 14.75 -9.67 2.44
N GLU A 85 14.80 -8.49 3.05
CA GLU A 85 16.04 -8.05 3.66
C GLU A 85 15.87 -7.44 5.03
N SER A 86 14.66 -7.48 5.59
CA SER A 86 14.52 -6.91 6.92
C SER A 86 13.97 -7.93 7.91
N ILE A 87 14.35 -7.73 9.17
CA ILE A 87 13.91 -8.56 10.27
C ILE A 87 12.73 -7.81 10.87
N SER A 88 11.63 -8.50 11.08
CA SER A 88 10.46 -7.86 11.63
C SER A 88 10.30 -8.01 13.13
N VAL A 89 10.12 -6.89 13.80
CA VAL A 89 9.92 -6.86 15.23
C VAL A 89 8.50 -6.37 15.47
N ALA A 90 7.71 -7.16 16.18
CA ALA A 90 6.33 -6.78 16.46
C ALA A 90 6.13 -6.49 17.95
N ILE A 91 5.60 -5.30 18.22
CA ILE A 91 5.34 -4.86 19.58
C ILE A 91 3.87 -5.11 19.90
N CYS A 92 3.64 -5.90 20.95
CA CYS A 92 2.29 -6.29 21.39
C CYS A 92 1.52 -5.23 22.19
N TYR A 93 0.26 -5.53 22.51
CA TYR A 93 -0.62 -4.66 23.29
C TYR A 93 -0.83 -3.25 22.75
N SER A 94 -0.53 -3.06 21.47
CA SER A 94 -0.69 -1.75 20.84
C SER A 94 -2.16 -1.42 20.63
N LYS A 95 -2.97 -2.48 20.54
CA LYS A 95 -4.41 -2.34 20.34
C LYS A 95 -5.07 -1.41 21.35
N SER A 96 -4.71 -1.56 22.62
CA SER A 96 -5.29 -0.72 23.67
C SER A 96 -4.26 0.24 24.23
N GLY A 97 -2.98 -0.04 23.95
CA GLY A 97 -1.93 0.83 24.46
C GLY A 97 -1.75 0.66 25.95
N GLY A 98 -1.47 1.75 26.64
CA GLY A 98 -1.27 1.69 28.08
C GLY A 98 0.16 1.35 28.46
N ASP A 99 0.40 1.14 29.76
CA ASP A 99 1.73 0.79 30.27
C ASP A 99 2.29 -0.45 29.62
N ARG A 100 1.45 -1.49 29.53
CA ARG A 100 1.86 -2.75 28.94
C ARG A 100 2.51 -2.52 27.58
N TYR A 101 1.90 -1.66 26.78
CA TYR A 101 2.44 -1.38 25.45
C TYR A 101 3.71 -0.54 25.51
N TYR A 102 3.72 0.49 26.35
CA TYR A 102 4.89 1.35 26.45
C TYR A 102 6.10 0.58 26.95
N LYS A 103 5.86 -0.34 27.87
CA LYS A 103 6.93 -1.18 28.41
C LYS A 103 7.42 -2.08 27.28
N ALA A 104 6.48 -2.57 26.49
CA ALA A 104 6.79 -3.43 25.35
C ALA A 104 7.62 -2.67 24.32
N GLU A 105 7.28 -1.40 24.11
CA GLU A 105 8.00 -0.59 23.13
C GLU A 105 9.43 -0.36 23.61
N ASN A 106 9.58 -0.10 24.91
CA ASN A 106 10.92 0.13 25.46
C ASN A 106 11.76 -1.14 25.38
N ASN A 107 11.12 -2.28 25.59
CA ASN A 107 11.83 -3.55 25.50
C ASN A 107 12.24 -3.75 24.06
N ALA A 108 11.40 -3.27 23.15
CA ALA A 108 11.69 -3.38 21.73
C ALA A 108 12.93 -2.57 21.39
N VAL A 109 13.17 -1.47 22.11
CA VAL A 109 14.37 -0.67 21.83
C VAL A 109 15.56 -1.61 21.94
N ASP A 110 15.65 -2.30 23.08
CA ASP A 110 16.74 -3.23 23.36
C ASP A 110 16.86 -4.36 22.34
N VAL A 111 15.73 -4.93 21.95
CA VAL A 111 15.73 -6.00 20.96
C VAL A 111 16.26 -5.46 19.63
N VAL A 112 15.81 -4.27 19.24
CA VAL A 112 16.28 -3.68 17.99
C VAL A 112 17.77 -3.42 18.03
N ARG A 113 18.27 -2.91 19.16
CA ARG A 113 19.69 -2.62 19.31
C ARG A 113 20.50 -3.92 19.26
N GLN A 114 19.92 -5.00 19.77
CA GLN A 114 20.64 -6.28 19.74
C GLN A 114 20.79 -6.76 18.31
N LEU A 115 19.74 -6.58 17.53
CA LEU A 115 19.75 -7.01 16.13
C LEU A 115 20.71 -6.14 15.30
N MET A 116 20.73 -4.84 15.61
CA MET A 116 21.62 -3.91 14.92
C MET A 116 23.07 -4.34 15.10
N SER A 117 23.44 -4.56 16.35
CA SER A 117 24.79 -4.99 16.69
C SER A 117 25.11 -6.33 16.07
N MET A 118 24.16 -7.26 16.11
CA MET A 118 24.40 -8.61 15.56
C MET A 118 24.66 -8.66 14.06
N TYR A 119 23.98 -7.81 13.28
CA TYR A 119 24.16 -7.81 11.83
C TYR A 119 24.64 -6.47 11.26
N ASN A 120 25.18 -5.62 12.13
CA ASN A 120 25.68 -4.30 11.76
C ASN A 120 24.72 -3.53 10.84
N ILE A 121 23.52 -3.32 11.36
CA ILE A 121 22.49 -2.60 10.65
C ILE A 121 22.51 -1.18 11.21
N PRO A 122 22.84 -0.20 10.36
CA PRO A 122 22.91 1.22 10.76
C PRO A 122 21.53 1.70 11.20
N ILE A 123 21.50 2.77 11.99
CA ILE A 123 20.26 3.33 12.50
C ILE A 123 19.31 3.78 11.40
N GLU A 124 19.86 4.21 10.26
CA GLU A 124 19.04 4.66 9.15
C GLU A 124 18.31 3.50 8.47
N ASN A 125 18.67 2.27 8.84
CA ASN A 125 18.02 1.11 8.25
C ASN A 125 16.94 0.49 9.14
N VAL A 126 16.55 1.22 10.20
CA VAL A 126 15.49 0.80 11.11
C VAL A 126 14.28 1.50 10.49
N ARG A 127 13.34 0.70 9.98
CA ARG A 127 12.18 1.24 9.30
C ARG A 127 10.85 0.82 9.88
N THR A 128 9.79 1.47 9.39
CA THR A 128 8.43 1.19 9.78
C THR A 128 7.86 0.31 8.69
N HIS A 129 6.75 -0.38 8.99
CA HIS A 129 6.09 -1.23 8.00
C HIS A 129 5.54 -0.29 6.91
N GLN A 130 5.00 0.83 7.34
CA GLN A 130 4.44 1.81 6.42
C GLN A 130 5.41 2.22 5.31
N SER A 131 6.69 2.37 5.64
CA SER A 131 7.68 2.80 4.66
C SER A 131 7.90 1.79 3.53
N TRP A 132 7.51 0.53 3.75
CA TRP A 132 7.67 -0.50 2.72
C TRP A 132 6.44 -0.70 1.83
N SER A 133 5.25 -0.63 2.40
CA SER A 133 4.04 -0.89 1.60
C SER A 133 2.90 0.11 1.77
N GLY A 134 3.05 1.04 2.70
CA GLY A 134 2.02 2.03 2.92
C GLY A 134 1.03 1.74 4.04
N LYS A 135 1.02 0.52 4.56
CA LYS A 135 0.09 0.18 5.65
C LYS A 135 0.36 1.09 6.85
N TYR A 136 -0.69 1.42 7.59
CA TYR A 136 -0.56 2.27 8.76
C TYR A 136 -0.06 1.45 9.95
N CYS A 137 1.20 1.06 9.89
CA CYS A 137 1.87 0.28 10.92
C CYS A 137 3.32 0.79 11.10
N PRO A 138 3.80 0.99 12.35
CA PRO A 138 3.11 0.79 13.63
C PRO A 138 2.08 1.88 13.94
N HIS A 139 0.82 1.49 13.86
CA HIS A 139 -0.32 2.39 14.06
C HIS A 139 -0.26 3.28 15.29
N ARG A 140 0.06 2.72 16.45
CA ARG A 140 0.08 3.54 17.65
C ARG A 140 1.27 4.50 17.70
N MET A 141 2.44 4.04 17.26
CA MET A 141 3.63 4.90 17.25
C MET A 141 3.43 6.05 16.24
N LEU A 142 2.79 5.76 15.12
CA LEU A 142 2.54 6.77 14.11
C LEU A 142 1.46 7.74 14.64
N ALA A 143 0.39 7.19 15.20
CA ALA A 143 -0.70 8.01 15.71
C ALA A 143 -0.27 8.98 16.80
N GLU A 144 0.49 8.46 17.77
CA GLU A 144 0.96 9.28 18.88
C GLU A 144 2.31 9.91 18.58
N GLY A 145 2.81 9.73 17.36
CA GLY A 145 4.08 10.32 16.97
C GLY A 145 5.23 10.00 17.90
N ARG A 146 5.52 8.70 18.06
CA ARG A 146 6.61 8.28 18.94
C ARG A 146 7.82 7.76 18.18
N TRP A 147 7.74 7.70 16.85
CA TRP A 147 8.86 7.18 16.07
C TRP A 147 10.20 7.90 16.27
N GLY A 148 10.18 9.22 16.30
CA GLY A 148 11.41 9.97 16.49
C GLY A 148 12.11 9.60 17.78
N ALA A 149 11.37 9.61 18.89
CA ALA A 149 11.95 9.28 20.18
C ALA A 149 12.45 7.85 20.18
N PHE A 150 11.72 6.97 19.50
CA PHE A 150 12.11 5.56 19.43
C PHE A 150 13.51 5.47 18.84
N ILE A 151 13.70 6.12 17.71
CA ILE A 151 14.99 6.12 17.03
C ILE A 151 16.13 6.61 17.93
N GLN A 152 15.84 7.59 18.76
CA GLN A 152 16.86 8.13 19.65
C GLN A 152 17.23 7.13 20.71
N LYS A 153 16.21 6.52 21.32
CA LYS A 153 16.46 5.52 22.36
C LYS A 153 17.35 4.44 21.76
N VAL A 154 16.94 3.94 20.59
CA VAL A 154 17.69 2.89 19.91
C VAL A 154 19.12 3.36 19.64
N LYS A 155 19.26 4.65 19.34
CA LYS A 155 20.56 5.21 19.05
C LYS A 155 21.47 5.21 20.28
N SER A 156 20.88 5.46 21.45
CA SER A 156 21.64 5.49 22.70
C SER A 156 21.24 4.36 23.65
N GLY A 157 20.13 4.55 24.34
CA GLY A 157 19.67 3.55 25.27
C GLY A 157 19.66 4.09 26.69
N MET B 1 15.79 4.17 -28.45
CA MET B 1 16.23 2.80 -28.83
C MET B 1 15.03 1.97 -29.29
N GLU B 2 15.30 0.95 -30.09
CA GLU B 2 14.25 0.09 -30.62
C GLU B 2 13.66 -0.74 -29.48
N ILE B 3 12.34 -0.73 -29.35
CA ILE B 3 11.70 -1.52 -28.32
C ILE B 3 11.25 -2.85 -28.92
N ARG B 4 11.93 -3.92 -28.53
CA ARG B 4 11.64 -5.26 -29.03
C ARG B 4 10.29 -5.81 -28.61
N LYS B 5 9.65 -6.53 -29.53
CA LYS B 5 8.34 -7.15 -29.32
C LYS B 5 8.47 -8.60 -28.85
N LYS B 6 7.62 -8.98 -27.91
CA LYS B 6 7.58 -10.33 -27.37
C LYS B 6 6.34 -10.39 -26.48
N LEU B 7 5.22 -9.99 -27.07
CA LEU B 7 3.92 -9.94 -26.42
C LEU B 7 3.41 -11.26 -25.90
N VAL B 8 2.58 -11.18 -24.88
CA VAL B 8 1.97 -12.37 -24.31
C VAL B 8 0.93 -12.82 -25.33
N VAL B 9 0.65 -14.12 -25.39
CA VAL B 9 -0.33 -14.63 -26.34
C VAL B 9 -1.74 -14.16 -25.97
N PRO B 10 -2.53 -13.76 -26.97
CA PRO B 10 -3.91 -13.29 -26.78
C PRO B 10 -4.72 -14.24 -25.89
N SER B 11 -4.35 -15.51 -25.85
CA SER B 11 -5.10 -16.45 -25.01
C SER B 11 -4.91 -16.22 -23.51
N LYS B 12 -3.87 -15.50 -23.11
CA LYS B 12 -3.66 -15.23 -21.69
C LYS B 12 -4.08 -13.81 -21.29
N TYR B 13 -4.73 -13.09 -22.21
CA TYR B 13 -5.18 -11.73 -21.95
C TYR B 13 -6.01 -11.67 -20.66
N GLY B 14 -6.88 -12.65 -20.48
CA GLY B 14 -7.72 -12.67 -19.30
C GLY B 14 -6.92 -12.71 -18.02
N THR B 15 -5.68 -13.17 -18.10
CA THR B 15 -4.84 -13.26 -16.92
C THR B 15 -3.85 -12.10 -16.78
N LYS B 16 -3.28 -11.67 -17.91
CA LYS B 16 -2.25 -10.64 -17.93
C LYS B 16 -2.64 -9.22 -18.30
N CYS B 17 -3.67 -9.07 -19.13
CA CYS B 17 -4.09 -7.76 -19.59
C CYS B 17 -5.50 -7.84 -20.16
N PRO B 18 -6.49 -8.13 -19.32
CA PRO B 18 -7.89 -8.26 -19.72
C PRO B 18 -8.60 -7.00 -20.24
N TYR B 19 -8.19 -5.82 -19.77
CA TYR B 19 -8.84 -4.58 -20.18
C TYR B 19 -8.09 -3.68 -21.14
N THR B 20 -8.84 -3.00 -22.01
CA THR B 20 -8.22 -2.05 -22.93
C THR B 20 -7.87 -0.83 -22.09
N MET B 21 -6.99 0.01 -22.60
CA MET B 21 -6.58 1.18 -21.85
C MET B 21 -6.22 2.37 -22.74
N LYS B 22 -6.46 3.56 -22.22
CA LYS B 22 -6.09 4.77 -22.92
C LYS B 22 -5.01 5.33 -21.99
N PRO B 23 -3.72 5.07 -22.32
CA PRO B 23 -2.56 5.51 -21.54
C PRO B 23 -2.62 6.98 -21.17
N LYS B 24 -2.46 7.27 -19.88
CA LYS B 24 -2.50 8.65 -19.41
C LYS B 24 -1.32 8.90 -18.48
N TYR B 25 -0.68 7.81 -18.02
CA TYR B 25 0.45 7.91 -17.13
C TYR B 25 1.46 6.82 -17.48
N ILE B 26 2.69 7.02 -17.02
CA ILE B 26 3.75 6.03 -17.22
C ILE B 26 4.28 5.79 -15.82
N THR B 27 4.34 4.53 -15.41
CA THR B 27 4.80 4.18 -14.08
C THR B 27 6.16 3.48 -14.16
N VAL B 28 7.13 3.99 -13.42
CA VAL B 28 8.46 3.38 -13.44
C VAL B 28 8.63 2.44 -12.26
N HIS B 29 9.26 1.30 -12.53
CA HIS B 29 9.50 0.27 -11.53
C HIS B 29 10.96 -0.20 -11.58
N ASN B 30 11.35 -0.98 -10.58
CA ASN B 30 12.67 -1.63 -10.51
C ASN B 30 12.20 -3.06 -10.20
N THR B 31 12.79 -4.04 -10.87
CA THR B 31 12.44 -5.44 -10.71
C THR B 31 12.89 -6.03 -9.39
N TYR B 32 13.86 -5.37 -8.77
CA TYR B 32 14.44 -5.85 -7.51
C TYR B 32 14.98 -7.25 -7.81
N ASN B 33 15.64 -7.38 -8.97
CA ASN B 33 16.22 -8.65 -9.39
C ASN B 33 17.43 -8.37 -10.26
N ASP B 34 18.16 -9.41 -10.64
CA ASP B 34 19.33 -9.23 -11.49
C ASP B 34 19.27 -10.12 -12.74
N ALA B 35 18.10 -10.15 -13.37
CA ALA B 35 17.91 -10.94 -14.57
C ALA B 35 17.75 -10.01 -15.77
N PRO B 36 18.11 -10.47 -16.97
CA PRO B 36 18.00 -9.64 -18.17
C PRO B 36 16.53 -9.44 -18.55
N ALA B 37 16.27 -8.39 -19.33
CA ALA B 37 14.91 -8.07 -19.77
C ALA B 37 14.21 -9.25 -20.44
N GLU B 38 14.95 -9.99 -21.27
CA GLU B 38 14.37 -11.14 -21.96
C GLU B 38 13.85 -12.16 -20.96
N ASN B 39 14.63 -12.44 -19.93
CA ASN B 39 14.22 -13.40 -18.93
C ASN B 39 13.03 -12.87 -18.15
N GLU B 40 13.11 -11.63 -17.69
CA GLU B 40 12.00 -11.00 -16.96
C GLU B 40 10.71 -11.09 -17.76
N VAL B 41 10.76 -10.68 -19.03
CA VAL B 41 9.59 -10.70 -19.90
C VAL B 41 9.11 -12.11 -20.13
N ASN B 42 10.01 -12.98 -20.57
CA ASN B 42 9.66 -14.36 -20.85
C ASN B 42 8.92 -15.01 -19.68
N TYR B 43 9.40 -14.77 -18.47
CA TYR B 43 8.75 -15.34 -17.29
C TYR B 43 7.36 -14.75 -17.08
N MET B 44 7.25 -13.44 -17.20
CA MET B 44 5.98 -12.73 -17.00
C MET B 44 4.89 -13.20 -17.97
N ILE B 45 5.24 -13.50 -19.22
CA ILE B 45 4.26 -13.95 -20.19
C ILE B 45 4.02 -15.46 -20.19
N THR B 46 4.73 -16.19 -19.33
CA THR B 46 4.58 -17.64 -19.26
C THR B 46 3.82 -18.14 -18.02
N ASN B 47 4.10 -17.54 -16.87
CA ASN B 47 3.42 -17.97 -15.64
C ASN B 47 1.94 -17.58 -15.70
N ASN B 48 1.13 -18.21 -14.86
CA ASN B 48 -0.30 -17.94 -14.85
C ASN B 48 -0.75 -17.06 -13.68
N ASN B 49 0.13 -16.18 -13.24
CA ASN B 49 -0.20 -15.29 -12.14
C ASN B 49 -0.67 -13.96 -12.71
N GLU B 50 -1.61 -13.30 -12.02
CA GLU B 50 -2.13 -12.01 -12.47
C GLU B 50 -1.16 -10.90 -12.18
N VAL B 51 0.07 -11.05 -12.67
CA VAL B 51 1.11 -10.06 -12.46
C VAL B 51 1.73 -9.75 -13.81
N SER B 52 1.81 -8.48 -14.16
CA SER B 52 2.38 -8.14 -15.46
C SER B 52 2.87 -6.69 -15.53
N PHE B 53 3.60 -6.39 -16.59
CA PHE B 53 4.11 -5.04 -16.81
C PHE B 53 4.27 -4.90 -18.32
N HIS B 54 4.31 -3.67 -18.81
CA HIS B 54 4.41 -3.48 -20.24
C HIS B 54 5.76 -3.73 -20.90
N VAL B 55 6.81 -3.16 -20.33
CA VAL B 55 8.13 -3.31 -20.93
C VAL B 55 9.24 -3.43 -19.89
N ALA B 56 10.20 -4.31 -20.15
CA ALA B 56 11.34 -4.51 -19.27
C ALA B 56 12.53 -3.89 -20.00
N VAL B 57 13.41 -3.22 -19.27
CA VAL B 57 14.57 -2.55 -19.88
C VAL B 57 15.86 -2.87 -19.12
N ASP B 58 16.87 -3.42 -19.81
CA ASP B 58 18.14 -3.69 -19.13
C ASP B 58 19.26 -2.86 -19.77
N ASP B 59 20.50 -3.14 -19.41
CA ASP B 59 21.61 -2.37 -19.95
C ASP B 59 21.74 -2.47 -21.48
N LYS B 60 21.17 -3.52 -22.09
CA LYS B 60 21.28 -3.71 -23.52
C LYS B 60 20.04 -3.48 -24.41
N GLN B 61 18.85 -3.82 -23.91
CA GLN B 61 17.64 -3.64 -24.70
C GLN B 61 16.36 -3.45 -23.93
N ALA B 62 15.29 -3.16 -24.67
CA ALA B 62 13.96 -2.97 -24.12
C ALA B 62 13.05 -3.94 -24.84
N ILE B 63 12.30 -4.71 -24.07
CA ILE B 63 11.40 -5.72 -24.61
C ILE B 63 9.98 -5.50 -24.07
N GLN B 64 9.01 -5.45 -24.98
CA GLN B 64 7.62 -5.24 -24.62
C GLN B 64 6.88 -6.57 -24.54
N GLY B 65 6.18 -6.76 -23.44
CA GLY B 65 5.43 -7.99 -23.24
C GLY B 65 3.92 -7.81 -23.23
N ILE B 66 3.47 -6.58 -23.05
CA ILE B 66 2.03 -6.31 -23.03
C ILE B 66 1.70 -5.14 -23.96
N PRO B 67 0.67 -5.31 -24.81
CA PRO B 67 0.28 -4.22 -25.72
C PRO B 67 0.14 -2.94 -24.92
N TRP B 68 0.66 -1.84 -25.45
CA TRP B 68 0.62 -0.54 -24.79
C TRP B 68 -0.75 -0.09 -24.36
N GLU B 69 -1.77 -0.45 -25.13
CA GLU B 69 -3.13 0.00 -24.83
C GLU B 69 -4.02 -1.02 -24.12
N ARG B 70 -3.39 -1.95 -23.40
CA ARG B 70 -4.09 -2.93 -22.60
C ARG B 70 -3.46 -2.70 -21.23
N ASN B 71 -4.24 -2.89 -20.17
CA ASN B 71 -3.73 -2.66 -18.82
C ASN B 71 -2.81 -3.80 -18.42
N ALA B 72 -2.05 -3.55 -17.36
CA ALA B 72 -1.15 -4.55 -16.78
C ALA B 72 -1.49 -4.54 -15.28
N TRP B 73 -1.02 -5.54 -14.56
CA TRP B 73 -1.26 -5.63 -13.12
C TRP B 73 0.10 -5.51 -12.47
N ALA B 74 0.54 -4.27 -12.23
CA ALA B 74 1.87 -4.04 -11.66
C ALA B 74 1.94 -2.92 -10.63
N CYS B 75 0.86 -2.15 -10.52
CA CYS B 75 0.81 -1.03 -9.60
C CYS B 75 0.16 -1.36 -8.26
N GLY B 76 -0.35 -2.58 -8.15
CA GLY B 76 -0.99 -3.04 -6.93
C GLY B 76 -2.03 -2.09 -6.37
N ASP B 77 -2.88 -1.57 -7.23
CA ASP B 77 -3.91 -0.66 -6.74
C ASP B 77 -5.29 -1.04 -7.26
N GLY B 78 -5.50 -2.35 -7.44
CA GLY B 78 -6.78 -2.83 -7.93
C GLY B 78 -7.08 -2.27 -9.30
N ASN B 79 -8.24 -1.65 -9.44
CA ASN B 79 -8.64 -1.06 -10.72
C ASN B 79 -8.46 0.45 -10.65
N GLY B 80 -7.47 0.89 -9.88
CA GLY B 80 -7.20 2.31 -9.76
C GLY B 80 -6.50 2.81 -11.00
N PRO B 81 -6.27 4.12 -11.09
CA PRO B 81 -5.61 4.74 -12.24
C PRO B 81 -4.24 4.15 -12.50
N GLY B 82 -3.63 3.60 -11.45
CA GLY B 82 -2.32 2.98 -11.61
C GLY B 82 -2.40 1.83 -12.59
N ASN B 83 -3.09 0.77 -12.21
CA ASN B 83 -3.24 -0.39 -13.07
C ASN B 83 -4.13 -0.17 -14.30
N ARG B 84 -5.07 0.78 -14.25
CA ARG B 84 -5.98 0.97 -15.38
C ARG B 84 -5.69 2.13 -16.33
N GLU B 85 -4.70 2.96 -16.02
CA GLU B 85 -4.38 4.07 -16.93
C GLU B 85 -2.90 4.30 -17.16
N SER B 86 -2.03 3.54 -16.48
CA SER B 86 -0.61 3.75 -16.70
C SER B 86 0.06 2.60 -17.42
N ILE B 87 1.18 2.93 -18.05
CA ILE B 87 2.00 1.97 -18.77
C ILE B 87 3.21 1.76 -17.87
N SER B 88 3.47 0.50 -17.52
CA SER B 88 4.58 0.16 -16.64
C SER B 88 5.89 -0.25 -17.31
N VAL B 89 6.95 0.46 -16.94
CA VAL B 89 8.31 0.25 -17.40
C VAL B 89 9.10 -0.33 -16.23
N ALA B 90 9.73 -1.49 -16.41
CA ALA B 90 10.52 -2.13 -15.36
C ALA B 90 12.01 -2.13 -15.69
N ILE B 91 12.80 -1.48 -14.84
CA ILE B 91 14.23 -1.40 -15.01
C ILE B 91 14.90 -2.62 -14.36
N CYS B 92 15.69 -3.37 -15.13
CA CYS B 92 16.37 -4.59 -14.65
C CYS B 92 17.68 -4.36 -13.89
N TYR B 93 18.13 -5.41 -13.18
CA TYR B 93 19.38 -5.40 -12.41
C TYR B 93 19.45 -4.47 -11.19
N SER B 94 18.29 -4.07 -10.68
CA SER B 94 18.24 -3.16 -9.53
C SER B 94 18.62 -3.83 -8.20
N LYS B 95 18.39 -5.13 -8.09
CA LYS B 95 18.72 -5.84 -6.86
C LYS B 95 20.17 -5.62 -6.44
N SER B 96 21.10 -5.83 -7.35
CA SER B 96 22.51 -5.65 -7.04
C SER B 96 23.08 -4.36 -7.61
N GLY B 97 22.33 -3.71 -8.49
CA GLY B 97 22.80 -2.46 -9.07
C GLY B 97 24.07 -2.62 -9.88
N GLY B 98 24.95 -1.63 -9.82
CA GLY B 98 26.19 -1.69 -10.58
C GLY B 98 25.98 -1.08 -11.95
N ASP B 99 27.05 -1.01 -12.73
CA ASP B 99 27.00 -0.44 -14.07
C ASP B 99 25.82 -0.96 -14.88
N ARG B 100 25.54 -2.26 -14.76
CA ARG B 100 24.43 -2.87 -15.49
C ARG B 100 23.12 -2.15 -15.25
N TYR B 101 22.86 -1.82 -13.98
CA TYR B 101 21.63 -1.15 -13.60
C TYR B 101 21.58 0.31 -14.07
N TYR B 102 22.64 1.05 -13.80
CA TYR B 102 22.67 2.45 -14.17
C TYR B 102 22.57 2.61 -15.68
N LYS B 103 23.04 1.60 -16.41
CA LYS B 103 22.97 1.61 -17.86
C LYS B 103 21.50 1.37 -18.23
N ALA B 104 20.88 0.43 -17.52
CA ALA B 104 19.48 0.10 -17.76
C ALA B 104 18.59 1.30 -17.40
N GLU B 105 18.99 2.07 -16.39
CA GLU B 105 18.19 3.23 -16.02
C GLU B 105 18.22 4.26 -17.16
N ASN B 106 19.38 4.45 -17.77
CA ASN B 106 19.54 5.39 -18.88
C ASN B 106 18.72 5.00 -20.10
N ASN B 107 18.63 3.70 -20.34
CA ASN B 107 17.85 3.21 -21.45
C ASN B 107 16.37 3.46 -21.14
N ALA B 108 16.00 3.34 -19.87
CA ALA B 108 14.62 3.54 -19.44
C ALA B 108 14.19 4.99 -19.69
N VAL B 109 15.16 5.90 -19.69
CA VAL B 109 14.90 7.33 -19.95
C VAL B 109 14.39 7.41 -21.39
N ASP B 110 15.06 6.63 -22.25
CA ASP B 110 14.72 6.59 -23.67
C ASP B 110 13.30 6.05 -23.82
N VAL B 111 13.05 4.90 -23.20
CA VAL B 111 11.73 4.28 -23.29
C VAL B 111 10.62 5.22 -22.82
N VAL B 112 10.77 5.84 -21.65
CA VAL B 112 9.75 6.75 -21.15
C VAL B 112 9.49 7.90 -22.13
N ARG B 113 10.55 8.46 -22.70
CA ARG B 113 10.40 9.56 -23.66
C ARG B 113 9.59 9.13 -24.88
N GLN B 114 9.88 7.96 -25.44
CA GLN B 114 9.13 7.47 -26.59
C GLN B 114 7.67 7.30 -26.24
N LEU B 115 7.38 6.75 -25.06
CA LEU B 115 5.99 6.53 -24.64
C LEU B 115 5.24 7.84 -24.41
N MET B 116 5.94 8.84 -23.88
CA MET B 116 5.35 10.15 -23.63
C MET B 116 4.98 10.80 -24.94
N SER B 117 5.85 10.65 -25.93
CA SER B 117 5.62 11.24 -27.24
C SER B 117 4.52 10.48 -27.98
N MET B 118 4.58 9.16 -27.87
CA MET B 118 3.64 8.26 -28.51
C MET B 118 2.20 8.44 -28.02
N TYR B 119 2.01 8.59 -26.71
CA TYR B 119 0.65 8.75 -26.20
C TYR B 119 0.36 10.14 -25.63
N ASN B 120 1.24 11.08 -25.95
CA ASN B 120 1.05 12.46 -25.50
C ASN B 120 0.87 12.55 -24.00
N ILE B 121 1.74 11.87 -23.26
CA ILE B 121 1.68 11.90 -21.81
C ILE B 121 2.68 12.93 -21.30
N PRO B 122 2.19 13.91 -20.51
CA PRO B 122 3.05 14.97 -19.95
C PRO B 122 4.00 14.48 -18.87
N ILE B 123 5.09 15.22 -18.70
CA ILE B 123 6.14 14.85 -17.75
C ILE B 123 5.61 14.71 -16.32
N GLU B 124 4.58 15.47 -15.98
CA GLU B 124 4.03 15.37 -14.64
C GLU B 124 3.23 14.08 -14.49
N ASN B 125 2.98 13.36 -15.58
CA ASN B 125 2.22 12.13 -15.46
C ASN B 125 3.15 10.89 -15.48
N VAL B 126 4.43 11.13 -15.25
CA VAL B 126 5.44 10.08 -15.17
C VAL B 126 5.54 9.85 -13.67
N ARG B 127 5.18 8.65 -13.23
CA ARG B 127 5.13 8.34 -11.81
C ARG B 127 5.88 7.11 -11.34
N THR B 128 6.03 7.03 -10.03
CA THR B 128 6.68 5.89 -9.39
C THR B 128 5.58 4.92 -9.00
N HIS B 129 5.95 3.65 -8.84
CA HIS B 129 4.99 2.65 -8.42
C HIS B 129 4.47 3.08 -7.05
N GLN B 130 5.38 3.57 -6.22
CA GLN B 130 5.04 4.00 -4.87
C GLN B 130 3.92 5.05 -4.82
N SER B 131 3.89 5.98 -5.77
CA SER B 131 2.84 7.01 -5.73
C SER B 131 1.42 6.45 -5.85
N TRP B 132 1.28 5.28 -6.45
CA TRP B 132 -0.02 4.65 -6.65
C TRP B 132 -0.51 3.79 -5.49
N SER B 133 0.36 2.94 -4.96
CA SER B 133 -0.02 2.01 -3.90
C SER B 133 0.76 2.07 -2.59
N GLY B 134 1.83 2.85 -2.52
CA GLY B 134 2.58 2.93 -1.28
C GLY B 134 3.75 1.98 -1.21
N LYS B 135 3.86 1.06 -2.15
CA LYS B 135 4.98 0.12 -2.16
C LYS B 135 6.28 0.88 -2.44
N TYR B 136 7.38 0.43 -1.82
CA TYR B 136 8.69 1.06 -1.98
C TYR B 136 9.34 0.62 -3.31
N CYS B 137 8.83 1.14 -4.43
CA CYS B 137 9.34 0.84 -5.76
C CYS B 137 9.28 2.13 -6.62
N PRO B 138 10.33 2.43 -7.44
CA PRO B 138 11.60 1.72 -7.59
C PRO B 138 12.54 1.88 -6.42
N HIS B 139 12.69 0.80 -5.66
CA HIS B 139 13.50 0.80 -4.46
C HIS B 139 14.88 1.46 -4.62
N ARG B 140 15.68 1.01 -5.58
CA ARG B 140 17.01 1.60 -5.73
C ARG B 140 16.97 3.09 -6.09
N MET B 141 16.09 3.48 -7.00
CA MET B 141 15.99 4.90 -7.37
C MET B 141 15.59 5.75 -6.16
N LEU B 142 14.73 5.18 -5.32
CA LEU B 142 14.24 5.85 -4.11
C LEU B 142 15.36 5.95 -3.06
N ALA B 143 15.97 4.81 -2.73
CA ALA B 143 17.03 4.80 -1.72
C ALA B 143 18.23 5.67 -2.12
N GLU B 144 18.55 5.72 -3.42
CA GLU B 144 19.67 6.51 -3.89
C GLU B 144 19.25 7.93 -4.28
N GLY B 145 17.96 8.21 -4.15
CA GLY B 145 17.45 9.53 -4.48
C GLY B 145 17.73 9.96 -5.91
N ARG B 146 17.50 9.06 -6.86
CA ARG B 146 17.76 9.37 -8.27
C ARG B 146 16.55 9.81 -9.08
N TRP B 147 15.35 9.69 -8.50
CA TRP B 147 14.12 10.06 -9.19
C TRP B 147 14.10 11.45 -9.83
N GLY B 148 14.42 12.47 -9.03
CA GLY B 148 14.44 13.82 -9.55
C GLY B 148 15.29 13.97 -10.79
N ALA B 149 16.51 13.43 -10.74
CA ALA B 149 17.41 13.54 -11.89
C ALA B 149 16.90 12.74 -13.08
N PHE B 150 16.28 11.60 -12.78
CA PHE B 150 15.74 10.77 -13.85
C PHE B 150 14.70 11.61 -14.59
N ILE B 151 13.81 12.24 -13.82
CA ILE B 151 12.76 13.08 -14.40
C ILE B 151 13.29 14.22 -15.26
N GLN B 152 14.26 14.98 -14.76
CA GLN B 152 14.79 16.07 -15.57
C GLN B 152 15.39 15.55 -16.87
N LYS B 153 16.08 14.40 -16.86
CA LYS B 153 16.63 13.91 -18.12
C LYS B 153 15.50 13.61 -19.11
N VAL B 154 14.46 12.92 -18.65
CA VAL B 154 13.34 12.60 -19.51
C VAL B 154 12.75 13.89 -20.07
N LYS B 155 12.53 14.84 -19.17
CA LYS B 155 11.93 16.14 -19.52
C LYS B 155 12.71 17.01 -20.52
N SER B 156 13.94 17.37 -20.20
CA SER B 156 14.72 18.21 -21.09
C SER B 156 16.10 17.70 -21.57
N GLY B 157 16.41 16.43 -21.32
CA GLY B 157 17.70 15.92 -21.75
C GLY B 157 17.71 15.65 -23.24
N ASN B 158 18.84 15.87 -23.90
CA ASN B 158 18.92 15.59 -25.31
C ASN B 158 19.67 14.28 -25.47
N VAL B 159 18.96 13.19 -25.14
CA VAL B 159 19.48 11.84 -25.19
C VAL B 159 18.65 10.88 -26.04
N MET C 1 -27.48 18.42 4.83
CA MET C 1 -28.51 17.71 4.02
C MET C 1 -29.00 16.45 4.73
N GLU C 2 -29.78 15.63 4.02
CA GLU C 2 -30.32 14.41 4.61
C GLU C 2 -29.72 13.17 3.96
N ILE C 3 -29.40 12.17 4.78
CA ILE C 3 -28.82 10.94 4.29
C ILE C 3 -29.88 9.83 4.30
N ARG C 4 -30.16 9.26 3.13
CA ARG C 4 -31.14 8.19 3.03
C ARG C 4 -30.62 6.94 3.72
N LYS C 5 -31.45 5.91 3.82
CA LYS C 5 -31.05 4.67 4.46
C LYS C 5 -31.28 3.45 3.56
N LYS C 6 -30.66 3.48 2.38
CA LYS C 6 -30.77 2.39 1.43
C LYS C 6 -29.82 1.29 1.92
N LEU C 7 -29.64 1.25 3.24
CA LEU C 7 -28.76 0.29 3.90
C LEU C 7 -28.96 -1.12 3.40
N VAL C 8 -27.86 -1.86 3.26
CA VAL C 8 -27.92 -3.24 2.82
C VAL C 8 -28.70 -4.04 3.85
N VAL C 9 -29.43 -5.05 3.39
CA VAL C 9 -30.20 -5.89 4.31
C VAL C 9 -29.27 -6.54 5.32
N PRO C 10 -29.70 -6.59 6.59
CA PRO C 10 -28.94 -7.19 7.69
C PRO C 10 -28.44 -8.59 7.38
N SER C 11 -29.04 -9.22 6.37
CA SER C 11 -28.66 -10.57 5.97
C SER C 11 -27.32 -10.59 5.23
N LYS C 12 -26.84 -9.42 4.82
CA LYS C 12 -25.58 -9.36 4.12
C LYS C 12 -24.51 -8.72 4.99
N TYR C 13 -24.86 -8.37 6.23
CA TYR C 13 -23.92 -7.76 7.16
C TYR C 13 -22.67 -8.61 7.30
N GLY C 14 -22.84 -9.93 7.32
CA GLY C 14 -21.71 -10.82 7.44
C GLY C 14 -20.58 -10.58 6.45
N THR C 15 -20.87 -9.85 5.37
CA THR C 15 -19.85 -9.56 4.35
C THR C 15 -19.54 -8.07 4.19
N LYS C 16 -20.51 -7.22 4.53
CA LYS C 16 -20.35 -5.77 4.40
C LYS C 16 -20.10 -5.09 5.74
N CYS C 17 -20.66 -5.69 6.80
CA CYS C 17 -20.51 -5.18 8.16
C CYS C 17 -20.69 -6.29 9.19
N PRO C 18 -19.78 -7.29 9.17
CA PRO C 18 -19.79 -8.43 10.09
C PRO C 18 -19.20 -8.12 11.47
N TYR C 19 -18.83 -6.87 11.69
CA TYR C 19 -18.25 -6.48 12.96
C TYR C 19 -18.85 -5.22 13.52
N THR C 20 -19.27 -5.29 14.78
CA THR C 20 -19.82 -4.13 15.44
C THR C 20 -18.67 -3.13 15.45
N MET C 21 -18.96 -1.85 15.36
CA MET C 21 -17.91 -0.84 15.35
C MET C 21 -18.20 0.37 16.21
N LYS C 22 -17.15 0.93 16.77
CA LYS C 22 -17.25 2.12 17.60
C LYS C 22 -16.50 3.21 16.82
N PRO C 23 -17.23 3.99 16.00
CA PRO C 23 -16.69 5.07 15.16
C PRO C 23 -15.65 5.98 15.83
N LYS C 24 -14.45 5.98 15.28
CA LYS C 24 -13.36 6.77 15.81
C LYS C 24 -12.63 7.57 14.74
N TYR C 25 -12.79 7.19 13.48
CA TYR C 25 -12.15 7.90 12.38
C TYR C 25 -13.14 8.01 11.24
N ILE C 26 -12.86 8.92 10.32
CA ILE C 26 -13.69 9.10 9.14
C ILE C 26 -12.74 9.05 7.94
N THR C 27 -13.01 8.16 7.00
CA THR C 27 -12.15 8.02 5.83
C THR C 27 -12.84 8.48 4.56
N VAL C 28 -12.24 9.45 3.88
CA VAL C 28 -12.82 9.97 2.66
C VAL C 28 -12.21 9.30 1.43
N HIS C 29 -13.07 8.84 0.53
CA HIS C 29 -12.66 8.17 -0.71
C HIS C 29 -13.11 8.94 -1.94
N ASN C 30 -12.81 8.36 -3.10
CA ASN C 30 -13.18 8.88 -4.41
C ASN C 30 -13.56 7.62 -5.17
N THR C 31 -14.83 7.51 -5.50
CA THR C 31 -15.36 6.36 -6.20
C THR C 31 -14.56 5.97 -7.45
N TYR C 32 -13.95 6.96 -8.08
CA TYR C 32 -13.20 6.74 -9.31
C TYR C 32 -14.21 6.25 -10.35
N ASN C 33 -15.39 6.87 -10.34
CA ASN C 33 -16.47 6.54 -11.25
C ASN C 33 -17.22 7.80 -11.66
N ASP C 34 -18.20 7.61 -12.52
CA ASP C 34 -19.03 8.71 -13.01
C ASP C 34 -20.50 8.42 -12.72
N ALA C 35 -20.76 7.59 -11.72
CA ALA C 35 -22.12 7.23 -11.34
C ALA C 35 -22.59 8.02 -10.12
N PRO C 36 -23.91 8.27 -10.02
CA PRO C 36 -24.49 9.01 -8.89
C PRO C 36 -24.44 8.22 -7.58
N ALA C 37 -24.56 8.94 -6.46
CA ALA C 37 -24.53 8.32 -5.14
C ALA C 37 -25.54 7.18 -5.02
N GLU C 38 -26.68 7.35 -5.69
CA GLU C 38 -27.76 6.38 -5.68
C GLU C 38 -27.33 5.03 -6.25
N ASN C 39 -26.72 5.06 -7.44
CA ASN C 39 -26.26 3.84 -8.10
C ASN C 39 -25.09 3.21 -7.35
N GLU C 40 -24.17 4.04 -6.87
CA GLU C 40 -23.00 3.54 -6.13
C GLU C 40 -23.45 2.70 -4.95
N VAL C 41 -24.26 3.30 -4.08
CA VAL C 41 -24.76 2.61 -2.90
C VAL C 41 -25.62 1.42 -3.29
N ASN C 42 -26.57 1.68 -4.17
CA ASN C 42 -27.47 0.64 -4.64
C ASN C 42 -26.72 -0.56 -5.21
N TYR C 43 -25.52 -0.32 -5.72
CA TYR C 43 -24.69 -1.37 -6.28
C TYR C 43 -23.97 -2.10 -5.16
N MET C 44 -23.30 -1.33 -4.31
CA MET C 44 -22.55 -1.86 -3.18
C MET C 44 -23.39 -2.76 -2.26
N ILE C 45 -24.70 -2.57 -2.24
CA ILE C 45 -25.55 -3.38 -1.37
C ILE C 45 -26.12 -4.61 -2.08
N THR C 46 -26.13 -4.60 -3.41
CA THR C 46 -26.65 -5.72 -4.19
C THR C 46 -25.69 -6.91 -4.21
N ASN C 47 -24.48 -6.69 -4.73
CA ASN C 47 -23.47 -7.73 -4.81
C ASN C 47 -23.04 -8.17 -3.41
N ASN C 48 -22.58 -9.41 -3.29
CA ASN C 48 -22.15 -9.92 -1.99
C ASN C 48 -20.63 -9.87 -1.87
N ASN C 49 -20.03 -8.89 -2.55
CA ASN C 49 -18.58 -8.69 -2.54
C ASN C 49 -18.11 -8.25 -1.16
N GLU C 50 -16.87 -8.61 -0.81
CA GLU C 50 -16.27 -8.24 0.47
C GLU C 50 -15.83 -6.79 0.43
N VAL C 51 -16.51 -5.98 -0.37
CA VAL C 51 -16.18 -4.56 -0.50
C VAL C 51 -17.41 -3.71 -0.17
N SER C 52 -17.22 -2.64 0.60
CA SER C 52 -18.32 -1.76 0.95
C SER C 52 -17.83 -0.49 1.64
N PHE C 53 -18.69 0.51 1.65
CA PHE C 53 -18.41 1.80 2.28
C PHE C 53 -19.70 2.22 2.97
N HIS C 54 -19.61 3.19 3.88
CA HIS C 54 -20.78 3.63 4.60
C HIS C 54 -21.73 4.56 3.85
N VAL C 55 -21.21 5.67 3.37
CA VAL C 55 -22.06 6.62 2.69
C VAL C 55 -21.45 7.19 1.42
N ALA C 56 -22.28 7.34 0.39
CA ALA C 56 -21.84 7.90 -0.88
C ALA C 56 -22.53 9.23 -1.02
N VAL C 57 -21.86 10.20 -1.61
CA VAL C 57 -22.44 11.51 -1.78
C VAL C 57 -22.15 12.05 -3.18
N ASP C 58 -23.10 12.80 -3.72
CA ASP C 58 -22.94 13.40 -5.05
C ASP C 58 -23.42 14.85 -5.02
N ASP C 59 -23.47 15.47 -6.19
CA ASP C 59 -23.92 16.87 -6.28
C ASP C 59 -25.39 17.00 -5.91
N LYS C 60 -26.08 15.87 -5.81
CA LYS C 60 -27.50 15.89 -5.48
C LYS C 60 -27.83 15.46 -4.05
N GLN C 61 -27.72 14.16 -3.77
CA GLN C 61 -28.05 13.63 -2.45
C GLN C 61 -26.92 12.80 -1.83
N ALA C 62 -27.13 12.40 -0.58
CA ALA C 62 -26.15 11.58 0.14
C ALA C 62 -26.88 10.35 0.64
N ILE C 63 -26.36 9.17 0.34
CA ILE C 63 -27.04 7.95 0.77
C ILE C 63 -26.15 7.03 1.61
N GLN C 64 -26.76 6.42 2.63
CA GLN C 64 -26.07 5.52 3.53
C GLN C 64 -26.49 4.09 3.23
N GLY C 65 -25.52 3.18 3.16
CA GLY C 65 -25.82 1.80 2.88
C GLY C 65 -25.37 0.86 3.98
N ILE C 66 -24.47 1.33 4.83
CA ILE C 66 -23.95 0.54 5.93
C ILE C 66 -24.19 1.27 7.25
N PRO C 67 -24.70 0.56 8.27
CA PRO C 67 -24.96 1.18 9.57
C PRO C 67 -23.68 1.81 10.13
N TRP C 68 -23.77 3.07 10.52
CA TRP C 68 -22.63 3.82 11.07
C TRP C 68 -21.83 3.04 12.09
N GLU C 69 -22.55 2.37 12.98
CA GLU C 69 -21.97 1.60 14.07
C GLU C 69 -21.61 0.16 13.71
N ARG C 70 -21.18 -0.03 12.46
CA ARG C 70 -20.77 -1.33 11.97
C ARG C 70 -19.63 -1.08 10.98
N ASN C 71 -18.64 -1.97 10.97
CA ASN C 71 -17.50 -1.79 10.08
C ASN C 71 -17.83 -2.06 8.62
N ALA C 72 -16.98 -1.56 7.73
CA ALA C 72 -17.15 -1.74 6.30
C ALA C 72 -15.75 -1.84 5.67
N TRP C 73 -15.60 -2.78 4.73
CA TRP C 73 -14.33 -2.99 4.05
C TRP C 73 -14.17 -2.02 2.89
N ALA C 74 -13.28 -1.04 3.06
CA ALA C 74 -13.06 -0.05 2.01
C ALA C 74 -11.71 0.66 2.11
N CYS C 75 -10.98 0.38 3.19
CA CYS C 75 -9.68 1.02 3.40
C CYS C 75 -8.51 0.10 3.05
N GLY C 76 -8.84 -1.14 2.68
CA GLY C 76 -7.84 -2.12 2.28
C GLY C 76 -6.69 -2.31 3.24
N ASP C 77 -6.98 -2.25 4.55
CA ASP C 77 -5.95 -2.43 5.57
C ASP C 77 -6.24 -3.70 6.36
N GLY C 78 -6.91 -4.64 5.70
CA GLY C 78 -7.28 -5.90 6.33
C GLY C 78 -8.14 -5.63 7.53
N ASN C 79 -7.73 -6.12 8.69
CA ASN C 79 -8.48 -5.91 9.92
C ASN C 79 -7.81 -4.87 10.81
N GLY C 80 -7.33 -3.80 10.19
CA GLY C 80 -6.70 -2.72 10.93
C GLY C 80 -7.70 -1.63 11.31
N PRO C 81 -7.26 -0.53 11.96
CA PRO C 81 -8.12 0.57 12.39
C PRO C 81 -8.90 1.22 11.25
N GLY C 82 -8.31 1.25 10.06
CA GLY C 82 -8.97 1.83 8.92
C GLY C 82 -10.31 1.15 8.68
N ASN C 83 -10.29 -0.16 8.47
CA ASN C 83 -11.52 -0.90 8.21
C ASN C 83 -12.34 -1.22 9.46
N ARG C 84 -11.68 -1.38 10.59
CA ARG C 84 -12.42 -1.73 11.80
C ARG C 84 -12.78 -0.58 12.75
N GLU C 85 -12.38 0.65 12.41
CA GLU C 85 -12.69 1.79 13.26
C GLU C 85 -13.07 3.10 12.54
N SER C 86 -13.18 3.08 11.21
CA SER C 86 -13.54 4.32 10.53
C SER C 86 -14.80 4.21 9.69
N ILE C 87 -15.47 5.34 9.50
CA ILE C 87 -16.69 5.42 8.71
C ILE C 87 -16.23 5.88 7.32
N SER C 88 -16.45 5.06 6.29
CA SER C 88 -16.05 5.41 4.92
C SER C 88 -17.07 6.25 4.18
N VAL C 89 -16.62 7.39 3.66
CA VAL C 89 -17.46 8.30 2.90
C VAL C 89 -16.93 8.36 1.47
N ALA C 90 -17.74 7.95 0.50
CA ALA C 90 -17.32 7.94 -0.91
C ALA C 90 -17.93 9.08 -1.75
N ILE C 91 -17.08 9.92 -2.34
CA ILE C 91 -17.53 11.02 -3.18
C ILE C 91 -17.54 10.55 -4.64
N CYS C 92 -18.69 10.70 -5.31
CA CYS C 92 -18.86 10.28 -6.70
C CYS C 92 -18.38 11.29 -7.75
N TYR C 93 -18.39 10.85 -9.01
CA TYR C 93 -17.98 11.67 -10.16
C TYR C 93 -16.52 12.09 -10.17
N SER C 94 -15.66 11.33 -9.50
CA SER C 94 -14.24 11.68 -9.47
C SER C 94 -13.55 11.35 -10.79
N LYS C 95 -14.07 10.33 -11.47
CA LYS C 95 -13.52 9.90 -12.76
C LYS C 95 -13.40 11.09 -13.69
N SER C 96 -14.54 11.57 -14.19
CA SER C 96 -14.55 12.71 -15.10
C SER C 96 -14.40 14.04 -14.36
N GLY C 97 -15.05 14.16 -13.22
CA GLY C 97 -14.97 15.39 -12.45
C GLY C 97 -15.89 16.46 -13.00
N GLY C 98 -15.48 17.72 -12.85
CA GLY C 98 -16.30 18.82 -13.32
C GLY C 98 -17.20 19.37 -12.23
N ASP C 99 -18.15 20.19 -12.62
CA ASP C 99 -19.08 20.80 -11.67
C ASP C 99 -19.72 19.75 -10.77
N ARG C 100 -20.20 18.66 -11.36
CA ARG C 100 -20.85 17.62 -10.58
C ARG C 100 -19.98 17.20 -9.39
N TYR C 101 -18.78 16.71 -9.68
CA TYR C 101 -17.89 16.26 -8.62
C TYR C 101 -17.58 17.32 -7.58
N TYR C 102 -17.21 18.51 -8.03
CA TYR C 102 -16.89 19.60 -7.12
C TYR C 102 -18.05 19.95 -6.21
N LYS C 103 -19.26 19.92 -6.76
CA LYS C 103 -20.44 20.22 -5.95
C LYS C 103 -20.65 19.03 -5.01
N ALA C 104 -20.36 17.83 -5.52
CA ALA C 104 -20.50 16.61 -4.73
C ALA C 104 -19.53 16.63 -3.55
N GLU C 105 -18.39 17.29 -3.75
CA GLU C 105 -17.38 17.38 -2.71
C GLU C 105 -17.84 18.33 -1.59
N ASN C 106 -18.42 19.46 -1.99
CA ASN C 106 -18.89 20.43 -1.00
C ASN C 106 -19.97 19.78 -0.13
N ASN C 107 -20.75 18.88 -0.73
CA ASN C 107 -21.78 18.18 0.00
C ASN C 107 -21.14 17.23 1.00
N ALA C 108 -20.12 16.51 0.53
CA ALA C 108 -19.41 15.56 1.37
C ALA C 108 -18.90 16.25 2.64
N VAL C 109 -18.59 17.54 2.54
CA VAL C 109 -18.11 18.26 3.70
C VAL C 109 -19.21 18.31 4.75
N ASP C 110 -20.45 18.35 4.28
CA ASP C 110 -21.62 18.40 5.15
C ASP C 110 -21.77 17.04 5.85
N VAL C 111 -21.67 15.98 5.06
CA VAL C 111 -21.79 14.63 5.62
C VAL C 111 -20.72 14.39 6.68
N VAL C 112 -19.48 14.79 6.38
CA VAL C 112 -18.38 14.62 7.32
C VAL C 112 -18.63 15.33 8.65
N ARG C 113 -19.00 16.61 8.57
CA ARG C 113 -19.28 17.37 9.77
C ARG C 113 -20.41 16.73 10.58
N GLN C 114 -21.43 16.24 9.90
CA GLN C 114 -22.55 15.60 10.60
C GLN C 114 -22.02 14.41 11.41
N LEU C 115 -21.25 13.54 10.75
CA LEU C 115 -20.68 12.36 11.40
C LEU C 115 -19.80 12.69 12.60
N MET C 116 -19.02 13.76 12.46
CA MET C 116 -18.11 14.20 13.51
C MET C 116 -18.87 14.57 14.79
N SER C 117 -19.79 15.54 14.66
CA SER C 117 -20.56 15.99 15.81
C SER C 117 -21.43 14.87 16.36
N MET C 118 -21.69 13.87 15.53
CA MET C 118 -22.53 12.76 15.92
C MET C 118 -21.76 11.69 16.69
N TYR C 119 -20.53 11.41 16.28
CA TYR C 119 -19.72 10.41 16.96
C TYR C 119 -18.47 11.00 17.58
N ASN C 120 -18.50 12.31 17.82
CA ASN C 120 -17.38 13.01 18.44
C ASN C 120 -16.03 12.61 17.83
N ILE C 121 -15.93 12.70 16.51
CA ILE C 121 -14.69 12.38 15.84
C ILE C 121 -13.98 13.70 15.55
N PRO C 122 -12.81 13.92 16.17
CA PRO C 122 -12.04 15.15 15.98
C PRO C 122 -11.56 15.34 14.55
N ILE C 123 -11.31 16.59 14.19
CA ILE C 123 -10.86 16.95 12.86
C ILE C 123 -9.61 16.16 12.43
N GLU C 124 -8.69 15.90 13.36
CA GLU C 124 -7.47 15.18 13.06
C GLU C 124 -7.74 13.71 12.78
N ASN C 125 -8.97 13.28 13.03
CA ASN C 125 -9.36 11.90 12.81
C ASN C 125 -10.14 11.74 11.49
N VAL C 126 -9.95 12.71 10.60
CA VAL C 126 -10.57 12.69 9.28
C VAL C 126 -9.39 12.34 8.36
N ARG C 127 -9.41 11.14 7.80
CA ARG C 127 -8.32 10.70 6.95
C ARG C 127 -8.71 10.31 5.53
N THR C 128 -7.69 10.13 4.70
CA THR C 128 -7.86 9.72 3.31
C THR C 128 -7.68 8.21 3.28
N HIS C 129 -8.10 7.58 2.21
CA HIS C 129 -7.93 6.14 2.10
C HIS C 129 -6.42 5.91 2.07
N GLN C 130 -5.71 6.80 1.39
CA GLN C 130 -4.26 6.70 1.28
C GLN C 130 -3.51 6.57 2.61
N SER C 131 -3.91 7.34 3.62
CA SER C 131 -3.25 7.30 4.91
C SER C 131 -3.30 5.93 5.59
N TRP C 132 -4.30 5.12 5.24
CA TRP C 132 -4.45 3.80 5.84
C TRP C 132 -3.67 2.69 5.13
N SER C 133 -3.78 2.62 3.81
CA SER C 133 -3.13 1.55 3.04
C SER C 133 -2.10 1.98 2.01
N GLY C 134 -2.02 3.28 1.75
CA GLY C 134 -1.07 3.77 0.76
C GLY C 134 -1.70 3.88 -0.62
N LYS C 135 -2.92 3.38 -0.78
CA LYS C 135 -3.60 3.46 -2.07
C LYS C 135 -3.85 4.91 -2.44
N TYR C 136 -3.74 5.23 -3.72
CA TYR C 136 -3.95 6.58 -4.20
C TYR C 136 -5.43 6.95 -4.25
N CYS C 137 -6.00 7.21 -3.07
CA CYS C 137 -7.41 7.56 -2.93
C CYS C 137 -7.59 8.51 -1.72
N PRO C 138 -8.37 9.60 -1.88
CA PRO C 138 -9.12 10.04 -3.07
C PRO C 138 -8.24 10.62 -4.19
N HIS C 139 -8.11 9.85 -5.27
CA HIS C 139 -7.26 10.24 -6.40
C HIS C 139 -7.36 11.67 -6.91
N ARG C 140 -8.56 12.10 -7.30
CA ARG C 140 -8.71 13.46 -7.83
C ARG C 140 -8.33 14.51 -6.79
N MET C 141 -8.79 14.33 -5.57
CA MET C 141 -8.48 15.28 -4.52
C MET C 141 -6.98 15.41 -4.33
N LEU C 142 -6.29 14.27 -4.36
CA LEU C 142 -4.84 14.23 -4.19
C LEU C 142 -4.16 14.80 -5.43
N ALA C 143 -4.65 14.42 -6.60
CA ALA C 143 -4.09 14.91 -7.85
C ALA C 143 -4.20 16.42 -7.90
N GLU C 144 -5.34 16.94 -7.45
CA GLU C 144 -5.58 18.38 -7.45
C GLU C 144 -5.26 19.08 -6.15
N GLY C 145 -4.72 18.34 -5.18
CA GLY C 145 -4.38 18.93 -3.90
C GLY C 145 -5.53 19.66 -3.25
N ARG C 146 -6.73 19.09 -3.34
CA ARG C 146 -7.92 19.69 -2.77
C ARG C 146 -8.16 19.24 -1.33
N TRP C 147 -7.33 18.32 -0.83
CA TRP C 147 -7.50 17.81 0.53
C TRP C 147 -7.27 18.86 1.61
N GLY C 148 -6.14 19.53 1.54
CA GLY C 148 -5.84 20.56 2.53
C GLY C 148 -6.97 21.56 2.69
N ALA C 149 -7.63 21.91 1.59
CA ALA C 149 -8.72 22.86 1.63
C ALA C 149 -9.99 22.19 2.15
N PHE C 150 -10.13 20.90 1.87
CA PHE C 150 -11.29 20.13 2.30
C PHE C 150 -11.38 20.11 3.83
N ILE C 151 -10.30 19.71 4.47
CA ILE C 151 -10.25 19.65 5.92
C ILE C 151 -10.61 20.99 6.55
N GLN C 152 -10.28 22.07 5.86
CA GLN C 152 -10.58 23.40 6.37
C GLN C 152 -12.07 23.71 6.26
N LYS C 153 -12.71 23.23 5.21
CA LYS C 153 -14.13 23.44 5.00
C LYS C 153 -14.93 22.64 6.02
N VAL C 154 -14.39 21.49 6.42
CA VAL C 154 -15.05 20.66 7.40
C VAL C 154 -15.05 21.39 8.75
N LYS C 155 -13.96 22.09 9.04
CA LYS C 155 -13.85 22.84 10.27
C LYS C 155 -14.93 23.91 10.34
N SER C 156 -14.88 24.84 9.38
CA SER C 156 -15.85 25.92 9.30
C SER C 156 -17.17 25.43 8.71
N GLY C 157 -17.52 25.95 7.55
CA GLY C 157 -18.76 25.54 6.90
C GLY C 157 -19.03 26.30 5.60
ZN ZN D . 3.16 -4.13 10.43
P PO4 E . 0.68 -5.79 10.67
O1 PO4 E . -0.34 -6.80 10.25
O2 PO4 E . 0.35 -4.48 10.05
O3 PO4 E . 0.66 -5.64 12.14
O4 PO4 E . 2.03 -6.23 10.23
ZN ZN F . 6.99 -1.66 -8.95
P PO4 G . 7.67 -4.62 -8.32
O1 PO4 G . 6.62 -5.65 -8.12
O2 PO4 G . 7.74 -3.74 -7.11
O3 PO4 G . 9.01 -5.29 -8.52
O4 PO4 G . 7.35 -3.79 -9.50
ZN ZN H . -10.78 4.66 -1.40
P PO4 I . -11.68 2.93 -3.48
O1 PO4 I . -10.34 3.55 -3.71
O2 PO4 I . -11.76 1.64 -4.20
O3 PO4 I . -11.89 2.71 -2.03
O4 PO4 I . -12.74 3.86 -4.00
#